data_9G48
#
_entry.id   9G48
#
_cell.length_a   60.140
_cell.length_b   60.140
_cell.length_c   246.240
_cell.angle_alpha   90.000
_cell.angle_beta   90.000
_cell.angle_gamma   120.000
#
_symmetry.space_group_name_H-M   'P 31 2 1'
#
loop_
_entity.id
_entity.type
_entity.pdbx_description
1 polymer 'Endoribonuclease MazF'
2 polymer 'Nanobody 6'
3 non-polymer 'CADMIUM ION'
4 non-polymer 'TRIETHYLENE GLYCOL'
5 non-polymer 2-(2-METHOXYETHOXY)ETHANOL
6 water water
#
loop_
_entity_poly.entity_id
_entity_poly.type
_entity_poly.pdbx_seq_one_letter_code
_entity_poly.pdbx_strand_id
1 'polypeptide(L)'
;MGSSHHHHHHSQDPIRRGDVYLADLSPVQGSEQGGVRPVVIIQNDTGNKYSPTVIVAAITGRINKAKIPTHVEIEKKKYK
LDKDSVILLEQIRTLDKKRLKEKLTYLSDDKMKEVDNALMISLGLNAVAHQKN
;
A,B
2 'polypeptide(L)'
;AQVQLQESGGGLVQPGGSLRLSCAASGFTLDYYAIGWFRQAPGKEREGVSCISSSDGSTYYADSVKGRFTISRDNAKNTV
YLEMNSLKPEDTAVYYCAAEAPPLLYDSGSYYCQPLYQYDYWGQGTQVTVSSHHHHHH
;
C,D
#
loop_
_chem_comp.id
_chem_comp.type
_chem_comp.name
_chem_comp.formula
CD non-polymer 'CADMIUM ION' 'Cd 2'
PG0 non-polymer 2-(2-METHOXYETHOXY)ETHANOL 'C5 H12 O3'
PGE non-polymer 'TRIETHYLENE GLYCOL' 'C6 H14 O4'
#
# COMPACT_ATOMS: atom_id res chain seq x y z
CA SER A 11 8.78 5.26 -17.50
C SER A 11 9.30 6.62 -17.05
N GLN A 12 10.11 6.61 -15.99
CA GLN A 12 10.73 7.82 -15.45
C GLN A 12 12.24 7.61 -15.37
N ASP A 13 12.97 8.65 -14.97
CA ASP A 13 14.41 8.46 -14.77
C ASP A 13 14.78 8.70 -13.31
N PRO A 14 14.36 9.80 -12.66
CA PRO A 14 14.49 9.87 -11.21
C PRO A 14 13.14 9.85 -10.51
N ILE A 15 12.65 8.67 -10.14
CA ILE A 15 11.38 8.55 -9.43
C ILE A 15 11.63 8.83 -7.96
N ARG A 16 10.93 9.82 -7.41
CA ARG A 16 11.10 10.23 -6.03
C ARG A 16 9.77 10.21 -5.31
N ARG A 17 9.81 9.89 -4.02
CA ARG A 17 8.60 9.85 -3.21
C ARG A 17 7.92 11.21 -3.21
N GLY A 18 6.60 11.21 -3.41
CA GLY A 18 5.85 12.43 -3.54
C GLY A 18 5.63 12.89 -4.97
N ASP A 19 6.32 12.30 -5.94
CA ASP A 19 6.06 12.62 -7.34
C ASP A 19 4.65 12.23 -7.73
N VAL A 20 4.04 13.03 -8.60
CA VAL A 20 2.72 12.74 -9.14
C VAL A 20 2.90 12.34 -10.59
N TYR A 21 2.64 11.08 -10.90
CA TYR A 21 2.81 10.53 -12.23
C TYR A 21 1.45 10.23 -12.87
N LEU A 22 1.42 10.33 -14.19
CA LEU A 22 0.35 9.75 -14.98
C LEU A 22 0.67 8.27 -15.16
N ALA A 23 -0.22 7.40 -14.74
CA ALA A 23 0.04 5.96 -14.71
C ALA A 23 -1.13 5.19 -15.29
N ASP A 24 -0.81 4.05 -15.90
CA ASP A 24 -1.81 3.15 -16.47
C ASP A 24 -2.17 2.09 -15.42
N LEU A 25 -3.44 2.08 -15.01
CA LEU A 25 -3.91 1.14 -14.00
C LEU A 25 -4.81 0.05 -14.56
N SER A 26 -5.16 0.12 -15.84
CA SER A 26 -6.04 -0.87 -16.43
C SER A 26 -5.39 -2.25 -16.40
N PRO A 27 -6.13 -3.30 -16.02
CA PRO A 27 -7.53 -3.28 -15.59
C PRO A 27 -7.70 -3.46 -14.08
N VAL A 28 -8.92 -3.23 -13.58
CA VAL A 28 -9.30 -3.48 -12.20
C VAL A 28 -10.68 -4.12 -12.19
N GLN A 29 -11.18 -4.38 -10.98
CA GLN A 29 -12.51 -4.97 -10.82
C GLN A 29 -13.09 -4.57 -9.48
N GLY A 30 -14.36 -4.16 -9.49
CA GLY A 30 -15.03 -3.75 -8.27
C GLY A 30 -14.82 -2.29 -7.94
N SER A 31 -14.73 -1.96 -6.65
CA SER A 31 -14.50 -0.60 -6.20
C SER A 31 -13.04 -0.17 -6.30
N GLU A 32 -12.22 -0.94 -7.04
CA GLU A 32 -10.83 -0.56 -7.26
C GLU A 32 -10.75 0.55 -8.31
N GLN A 33 -9.77 1.43 -8.14
CA GLN A 33 -9.59 2.57 -9.03
C GLN A 33 -8.63 2.19 -10.16
N GLY A 34 -9.13 2.22 -11.38
CA GLY A 34 -8.33 1.82 -12.52
C GLY A 34 -8.23 2.86 -13.62
N GLY A 35 -7.70 2.47 -14.78
CA GLY A 35 -7.55 3.36 -15.90
C GLY A 35 -6.33 4.25 -15.79
N VAL A 36 -6.04 4.96 -16.87
CA VAL A 36 -4.97 5.94 -16.86
C VAL A 36 -5.40 7.12 -15.99
N ARG A 37 -4.68 7.34 -14.89
CA ARG A 37 -5.07 8.34 -13.90
C ARG A 37 -3.83 8.83 -13.18
N PRO A 38 -3.89 9.98 -12.52
CA PRO A 38 -2.75 10.44 -11.73
C PRO A 38 -2.60 9.61 -10.45
N VAL A 39 -1.33 9.36 -10.08
CA VAL A 39 -1.00 8.65 -8.85
C VAL A 39 0.15 9.39 -8.18
N VAL A 40 0.32 9.13 -6.89
CA VAL A 40 1.41 9.69 -6.10
C VAL A 40 2.30 8.55 -5.63
N ILE A 41 3.61 8.69 -5.84
CA ILE A 41 4.58 7.71 -5.37
C ILE A 41 4.69 7.81 -3.85
N ILE A 42 4.50 6.69 -3.17
CA ILE A 42 4.61 6.63 -1.71
C ILE A 42 5.68 5.65 -1.24
N GLN A 43 6.35 4.95 -2.16
CA GLN A 43 7.44 4.07 -1.79
C GLN A 43 8.68 4.88 -1.43
N ASN A 44 9.47 4.34 -0.51
CA ASN A 44 10.72 4.99 -0.11
C ASN A 44 11.66 5.11 -1.31
N ASP A 45 12.56 6.09 -1.23
CA ASP A 45 13.38 6.43 -2.40
C ASP A 45 14.43 5.38 -2.73
N THR A 46 14.83 4.55 -1.77
CA THR A 46 15.71 3.45 -2.11
C THR A 46 14.99 2.43 -3.00
N GLY A 47 13.74 2.11 -2.66
CA GLY A 47 12.95 1.25 -3.52
C GLY A 47 12.65 1.89 -4.86
N ASN A 48 12.39 3.19 -4.86
CA ASN A 48 12.10 3.89 -6.11
C ASN A 48 13.29 3.86 -7.07
N LYS A 49 14.51 3.70 -6.53
CA LYS A 49 15.69 3.66 -7.37
C LYS A 49 16.00 2.25 -7.85
N TYR A 50 15.94 1.25 -6.96
CA TYR A 50 16.43 -0.09 -7.27
C TYR A 50 15.33 -1.08 -7.62
N SER A 51 14.13 -0.92 -7.08
CA SER A 51 13.09 -1.92 -7.30
C SER A 51 12.53 -1.80 -8.71
N PRO A 52 12.11 -2.92 -9.31
CA PRO A 52 11.43 -2.83 -10.61
C PRO A 52 10.03 -2.24 -10.52
N THR A 53 9.48 -2.10 -9.31
CA THR A 53 8.12 -1.61 -9.12
C THR A 53 8.11 -0.43 -8.15
N VAL A 54 7.03 0.33 -8.21
CA VAL A 54 6.79 1.45 -7.30
C VAL A 54 5.44 1.24 -6.61
N ILE A 55 5.32 1.79 -5.41
CA ILE A 55 4.06 1.78 -4.66
C ILE A 55 3.42 3.14 -4.81
N VAL A 56 2.15 3.16 -5.21
CA VAL A 56 1.45 4.41 -5.49
C VAL A 56 0.11 4.41 -4.74
N ALA A 57 -0.38 5.63 -4.50
CA ALA A 57 -1.73 5.85 -4.02
C ALA A 57 -2.52 6.54 -5.12
N ALA A 58 -3.76 6.09 -5.33
CA ALA A 58 -4.56 6.59 -6.44
C ALA A 58 -5.07 8.00 -6.15
N ILE A 59 -5.21 8.79 -7.22
CA ILE A 59 -5.79 10.12 -7.15
C ILE A 59 -7.03 10.13 -8.03
N THR A 60 -8.12 10.67 -7.49
CA THR A 60 -9.38 10.78 -8.22
C THR A 60 -9.80 12.24 -8.35
N GLY A 61 -10.55 12.53 -9.41
CA GLY A 61 -11.12 13.84 -9.60
C GLY A 61 -12.63 13.80 -9.52
N ARG A 62 -13.18 12.60 -9.32
CA ARG A 62 -14.63 12.45 -9.20
C ARG A 62 -15.15 13.20 -7.97
N ILE A 63 -14.39 13.18 -6.88
CA ILE A 63 -14.63 14.03 -5.73
C ILE A 63 -13.43 14.94 -5.57
N ASN A 64 -13.66 16.11 -4.96
CA ASN A 64 -12.57 17.04 -4.69
C ASN A 64 -12.47 17.45 -3.24
N LYS A 65 -13.30 16.91 -2.36
CA LYS A 65 -13.22 17.16 -0.93
C LYS A 65 -13.02 15.84 -0.20
N ALA A 66 -12.16 15.87 0.83
CA ALA A 66 -11.84 14.68 1.60
C ALA A 66 -12.90 14.49 2.68
N LYS A 67 -13.52 13.30 2.70
CA LYS A 67 -14.59 13.03 3.64
C LYS A 67 -14.24 12.02 4.72
N ILE A 68 -13.15 11.26 4.57
CA ILE A 68 -12.73 10.29 5.57
C ILE A 68 -11.25 10.52 5.87
N PRO A 69 -10.76 10.03 7.02
CA PRO A 69 -9.39 10.36 7.42
C PRO A 69 -8.31 9.87 6.47
N THR A 70 -8.61 8.94 5.58
CA THR A 70 -7.62 8.43 4.64
C THR A 70 -7.62 9.17 3.30
N HIS A 71 -8.30 10.31 3.21
CA HIS A 71 -8.34 11.09 1.98
C HIS A 71 -7.56 12.38 2.17
N VAL A 72 -6.80 12.77 1.15
CA VAL A 72 -6.03 14.01 1.16
C VAL A 72 -6.32 14.78 -0.13
N GLU A 73 -6.65 16.06 0.02
CA GLU A 73 -7.05 16.91 -1.10
C GLU A 73 -5.84 17.51 -1.81
N ILE A 74 -6.00 17.78 -3.09
CA ILE A 74 -5.02 18.51 -3.88
C ILE A 74 -5.72 19.68 -4.56
N GLU A 75 -5.31 20.90 -4.23
CA GLU A 75 -5.84 22.10 -4.86
C GLU A 75 -5.19 22.30 -6.22
N LYS A 76 -6.00 22.33 -7.28
CA LYS A 76 -5.47 22.52 -8.63
C LYS A 76 -4.86 23.90 -8.82
N LYS A 77 -5.28 24.90 -8.03
CA LYS A 77 -4.66 26.22 -8.10
C LYS A 77 -3.26 26.24 -7.51
N LYS A 78 -2.71 25.06 -7.21
CA LYS A 78 -1.38 24.96 -6.61
C LYS A 78 -0.50 23.92 -7.31
N TYR A 79 -1.11 22.85 -7.85
CA TYR A 79 -0.35 21.70 -8.31
C TYR A 79 -0.57 21.35 -9.78
N LYS A 80 -1.27 22.17 -10.55
CA LYS A 80 -1.42 21.99 -11.99
C LYS A 80 -2.05 20.63 -12.31
N LEU A 81 -3.32 20.50 -11.94
CA LEU A 81 -4.16 19.38 -12.33
C LEU A 81 -5.38 19.91 -13.07
N ASP A 82 -6.11 19.00 -13.71
CA ASP A 82 -7.37 19.37 -14.35
C ASP A 82 -8.34 19.96 -13.34
N LYS A 83 -8.51 19.27 -12.20
CA LYS A 83 -9.52 19.61 -11.22
C LYS A 83 -8.92 19.49 -9.83
N ASP A 84 -9.61 20.07 -8.85
CA ASP A 84 -9.33 19.71 -7.47
C ASP A 84 -9.51 18.21 -7.30
N SER A 85 -8.56 17.57 -6.65
CA SER A 85 -8.51 16.12 -6.61
C SER A 85 -8.31 15.65 -5.19
N VAL A 86 -8.48 14.34 -4.99
CA VAL A 86 -8.37 13.71 -3.68
C VAL A 86 -7.44 12.52 -3.80
N ILE A 87 -6.46 12.45 -2.90
CA ILE A 87 -5.60 11.28 -2.81
C ILE A 87 -6.30 10.22 -1.97
N LEU A 88 -6.34 8.99 -2.49
CA LEU A 88 -7.06 7.89 -1.84
C LEU A 88 -6.04 6.95 -1.21
N LEU A 89 -5.76 7.16 0.07
CA LEU A 89 -4.79 6.32 0.77
C LEU A 89 -5.35 4.95 1.12
N GLU A 90 -6.63 4.71 0.86
CA GLU A 90 -7.18 3.36 0.89
C GLU A 90 -7.09 2.66 -0.46
N GLN A 91 -6.57 3.35 -1.47
CA GLN A 91 -6.45 2.83 -2.83
C GLN A 91 -4.97 2.81 -3.18
N ILE A 92 -4.30 1.75 -2.76
CA ILE A 92 -2.85 1.59 -2.92
C ILE A 92 -2.60 0.39 -3.82
N ARG A 93 -1.60 0.50 -4.69
CA ARG A 93 -1.19 -0.64 -5.50
C ARG A 93 0.27 -0.47 -5.90
N THR A 94 0.90 -1.59 -6.18
CA THR A 94 2.29 -1.63 -6.61
C THR A 94 2.32 -1.79 -8.13
N LEU A 95 3.01 -0.87 -8.80
CA LEU A 95 3.03 -0.82 -10.25
C LEU A 95 4.42 -1.11 -10.78
N ASP A 96 4.49 -1.92 -11.84
CA ASP A 96 5.72 -1.99 -12.61
C ASP A 96 6.06 -0.59 -13.14
N LYS A 97 7.34 -0.26 -13.10
CA LYS A 97 7.76 1.10 -13.46
C LYS A 97 7.39 1.47 -14.89
N LYS A 98 7.09 0.48 -15.75
CA LYS A 98 6.70 0.78 -17.12
C LYS A 98 5.32 1.42 -17.20
N ARG A 99 4.49 1.28 -16.17
CA ARG A 99 3.16 1.88 -16.20
C ARG A 99 3.21 3.39 -16.01
N LEU A 100 4.28 3.92 -15.44
CA LEU A 100 4.41 5.36 -15.21
C LEU A 100 4.63 6.06 -16.55
N LYS A 101 3.65 6.86 -16.98
CA LYS A 101 3.74 7.54 -18.26
C LYS A 101 4.47 8.87 -18.12
N GLU A 102 3.74 9.91 -17.73
CA GLU A 102 4.28 11.26 -17.62
C GLU A 102 4.29 11.71 -16.16
N LYS A 103 5.32 12.45 -15.79
CA LYS A 103 5.39 13.06 -14.46
C LYS A 103 4.71 14.43 -14.52
N LEU A 104 3.64 14.60 -13.75
CA LEU A 104 2.92 15.86 -13.73
C LEU A 104 3.63 16.89 -12.85
N THR A 105 3.82 16.55 -11.57
CA THR A 105 4.51 17.43 -10.64
C THR A 105 4.94 16.59 -9.43
N TYR A 106 5.11 17.24 -8.28
CA TYR A 106 5.34 16.53 -7.03
C TYR A 106 4.69 17.33 -5.91
N LEU A 107 4.39 16.64 -4.82
CA LEU A 107 3.73 17.25 -3.68
C LEU A 107 4.77 17.78 -2.70
N SER A 108 4.44 18.90 -2.05
CA SER A 108 5.37 19.56 -1.15
C SER A 108 5.58 18.71 0.10
N ASP A 109 6.57 19.12 0.90
CA ASP A 109 6.81 18.45 2.17
C ASP A 109 5.59 18.55 3.09
N ASP A 110 4.95 19.72 3.14
CA ASP A 110 3.80 19.89 4.01
C ASP A 110 2.63 19.01 3.57
N LYS A 111 2.44 18.84 2.26
CA LYS A 111 1.36 18.00 1.79
C LYS A 111 1.66 16.52 2.02
N MET A 112 2.91 16.10 1.82
CA MET A 112 3.28 14.71 2.08
C MET A 112 3.17 14.38 3.56
N LYS A 113 3.31 15.38 4.44
CA LYS A 113 3.01 15.16 5.86
C LYS A 113 1.58 14.67 6.03
N GLU A 114 0.62 15.34 5.38
CA GLU A 114 -0.77 14.88 5.42
C GLU A 114 -0.91 13.50 4.81
N VAL A 115 -0.22 13.25 3.68
CA VAL A 115 -0.26 11.94 3.04
C VAL A 115 0.28 10.88 4.01
N ASP A 116 1.38 11.17 4.68
CA ASP A 116 1.96 10.18 5.60
C ASP A 116 0.99 9.86 6.72
N ASN A 117 0.31 10.87 7.26
CA ASN A 117 -0.66 10.63 8.33
C ASN A 117 -1.79 9.74 7.85
N ALA A 118 -2.42 10.09 6.73
CA ALA A 118 -3.50 9.27 6.19
C ALA A 118 -3.01 7.86 5.87
N LEU A 119 -1.76 7.73 5.44
CA LEU A 119 -1.20 6.41 5.16
C LEU A 119 -1.04 5.59 6.43
N MET A 120 -0.65 6.23 7.54
CA MET A 120 -0.53 5.51 8.81
C MET A 120 -1.90 5.04 9.29
N ILE A 121 -2.92 5.90 9.15
CA ILE A 121 -4.28 5.50 9.51
C ILE A 121 -4.75 4.37 8.61
N SER A 122 -4.52 4.49 7.30
CA SER A 122 -5.02 3.53 6.34
C SER A 122 -4.51 2.12 6.64
N LEU A 123 -3.23 1.99 6.96
CA LEU A 123 -2.62 0.68 7.16
C LEU A 123 -2.52 0.30 8.64
N GLY A 124 -3.18 1.04 9.52
CA GLY A 124 -3.22 0.67 10.93
C GLY A 124 -1.87 0.71 11.61
N LEU A 125 -0.96 1.57 11.14
CA LEU A 125 0.36 1.72 11.75
C LEU A 125 0.28 2.66 12.96
N ASN A 126 -0.52 2.27 13.93
CA ASN A 126 -0.70 3.01 15.17
C ASN A 126 -0.45 2.08 16.37
N ALA A 127 0.70 1.43 16.37
CA ALA A 127 1.05 0.49 17.42
C ALA A 127 2.29 0.97 18.19
CA ASP B 13 -17.10 -13.71 8.36
C ASP B 13 -16.44 -12.34 8.40
N PRO B 14 -15.83 -11.99 9.52
CA PRO B 14 -15.17 -10.69 9.64
C PRO B 14 -13.76 -10.70 9.08
N ILE B 15 -13.35 -9.55 8.55
CA ILE B 15 -12.02 -9.35 8.03
C ILE B 15 -11.23 -8.52 9.03
N ARG B 16 -10.16 -9.10 9.56
CA ARG B 16 -9.35 -8.45 10.57
C ARG B 16 -7.93 -8.23 10.05
N ARG B 17 -7.30 -7.18 10.53
CA ARG B 17 -5.91 -6.91 10.17
C ARG B 17 -5.02 -8.03 10.68
N GLY B 18 -4.20 -8.59 9.78
CA GLY B 18 -3.37 -9.73 10.10
C GLY B 18 -3.91 -11.04 9.57
N ASP B 19 -5.14 -11.07 9.06
CA ASP B 19 -5.70 -12.29 8.49
C ASP B 19 -4.93 -12.68 7.24
N VAL B 20 -4.77 -13.99 7.04
CA VAL B 20 -4.15 -14.54 5.84
C VAL B 20 -5.27 -15.15 5.00
N TYR B 21 -5.56 -14.52 3.87
CA TYR B 21 -6.63 -14.93 2.98
C TYR B 21 -6.07 -15.48 1.68
N LEU B 22 -6.79 -16.43 1.09
CA LEU B 22 -6.57 -16.84 -0.28
C LEU B 22 -7.41 -15.94 -1.18
N ALA B 23 -6.76 -15.24 -2.11
CA ALA B 23 -7.44 -14.25 -2.93
C ALA B 23 -7.06 -14.42 -4.40
N ASP B 24 -8.04 -14.21 -5.28
CA ASP B 24 -7.80 -14.22 -6.72
C ASP B 24 -7.19 -12.88 -7.11
N LEU B 25 -5.90 -12.89 -7.45
CA LEU B 25 -5.17 -11.66 -7.74
C LEU B 25 -5.05 -11.35 -9.22
N SER B 26 -5.28 -12.33 -10.10
CA SER B 26 -5.18 -12.08 -11.53
C SER B 26 -6.31 -11.17 -12.00
N PRO B 27 -6.06 -10.35 -13.03
CA PRO B 27 -4.79 -10.22 -13.76
C PRO B 27 -3.89 -9.11 -13.22
N VAL B 28 -2.58 -9.24 -13.45
CA VAL B 28 -1.63 -8.21 -13.05
C VAL B 28 -0.79 -7.79 -14.26
N SER B 31 6.58 -6.77 -12.88
CA SER B 31 7.01 -7.66 -11.81
C SER B 31 6.00 -7.70 -10.67
N GLU B 32 4.77 -7.31 -10.97
CA GLU B 32 3.70 -7.37 -9.98
C GLU B 32 3.27 -8.82 -9.78
N GLN B 33 3.04 -9.18 -8.52
CA GLN B 33 2.70 -10.56 -8.19
C GLN B 33 1.26 -10.86 -8.59
N GLY B 34 1.05 -11.98 -9.28
CA GLY B 34 -0.26 -12.33 -9.77
C GLY B 34 -0.57 -13.80 -9.58
N GLY B 35 -1.86 -14.09 -9.59
CA GLY B 35 -2.40 -15.42 -9.42
C GLY B 35 -3.14 -15.57 -8.11
N VAL B 36 -4.06 -16.54 -8.07
CA VAL B 36 -4.77 -16.88 -6.85
C VAL B 36 -3.75 -17.27 -5.79
N ARG B 37 -3.43 -16.35 -4.90
CA ARG B 37 -2.28 -16.46 -4.01
C ARG B 37 -2.70 -16.05 -2.60
N PRO B 38 -1.91 -16.45 -1.59
CA PRO B 38 -2.18 -15.97 -0.23
C PRO B 38 -1.74 -14.53 -0.05
N VAL B 39 -2.54 -13.78 0.71
CA VAL B 39 -2.22 -12.40 1.05
C VAL B 39 -2.53 -12.20 2.52
N VAL B 40 -1.96 -11.15 3.10
CA VAL B 40 -2.20 -10.77 4.48
C VAL B 40 -2.88 -9.41 4.49
N ILE B 41 -3.95 -9.30 5.28
CA ILE B 41 -4.67 -8.03 5.41
C ILE B 41 -3.80 -7.05 6.19
N ILE B 42 -3.54 -5.88 5.61
CA ILE B 42 -2.78 -4.83 6.27
C ILE B 42 -3.57 -3.55 6.45
N GLN B 43 -4.80 -3.49 5.96
CA GLN B 43 -5.65 -2.33 6.19
C GLN B 43 -6.13 -2.29 7.64
N ASN B 44 -6.30 -1.08 8.16
CA ASN B 44 -6.83 -0.88 9.50
C ASN B 44 -8.22 -1.50 9.63
N ASP B 45 -8.59 -1.83 10.87
CA ASP B 45 -9.81 -2.61 11.09
C ASP B 45 -11.08 -1.79 10.87
N THR B 46 -11.01 -0.47 11.00
CA THR B 46 -12.19 0.34 10.67
C THR B 46 -12.49 0.26 9.18
N GLY B 47 -11.46 0.37 8.35
CA GLY B 47 -11.64 0.19 6.91
C GLY B 47 -12.02 -1.23 6.55
N ASN B 48 -11.50 -2.21 7.28
CA ASN B 48 -11.88 -3.59 7.00
C ASN B 48 -13.36 -3.85 7.27
N LYS B 49 -13.99 -3.04 8.11
CA LYS B 49 -15.40 -3.21 8.39
C LYS B 49 -16.28 -2.44 7.41
N TYR B 50 -15.99 -1.15 7.18
CA TYR B 50 -16.88 -0.29 6.44
C TYR B 50 -16.51 -0.13 4.97
N SER B 51 -15.30 -0.44 4.58
CA SER B 51 -14.97 -0.14 3.20
C SER B 51 -15.31 -1.33 2.29
N PRO B 52 -15.62 -1.09 1.03
CA PRO B 52 -15.80 -2.20 0.08
C PRO B 52 -14.50 -2.88 -0.30
N THR B 53 -13.35 -2.34 0.09
CA THR B 53 -12.05 -2.84 -0.32
C THR B 53 -11.18 -3.08 0.90
N VAL B 54 -10.16 -3.92 0.71
CA VAL B 54 -9.12 -4.15 1.70
C VAL B 54 -7.77 -3.95 1.04
N ILE B 55 -6.79 -3.60 1.85
CA ILE B 55 -5.39 -3.50 1.41
C ILE B 55 -4.66 -4.74 1.89
N VAL B 56 -3.89 -5.36 1.00
CA VAL B 56 -3.21 -6.61 1.27
C VAL B 56 -1.77 -6.53 0.83
N ALA B 57 -0.93 -7.38 1.42
CA ALA B 57 0.45 -7.57 1.00
C ALA B 57 0.62 -8.98 0.45
N ALA B 58 1.43 -9.10 -0.59
CA ALA B 58 1.63 -10.38 -1.26
C ALA B 58 2.47 -11.33 -0.41
N ILE B 59 2.20 -12.62 -0.56
CA ILE B 59 2.98 -13.68 0.07
C ILE B 59 3.47 -14.61 -1.02
N THR B 60 4.77 -14.90 -1.04
CA THR B 60 5.36 -15.75 -2.06
C THR B 60 6.01 -16.96 -1.42
N GLY B 61 5.93 -18.09 -2.11
CA GLY B 61 6.63 -19.30 -1.74
C GLY B 61 7.85 -19.60 -2.58
N ARG B 62 8.17 -18.74 -3.56
CA ARG B 62 9.34 -18.96 -4.38
C ARG B 62 10.62 -18.90 -3.55
N ILE B 63 10.71 -17.93 -2.64
CA ILE B 63 11.86 -17.79 -1.78
C ILE B 63 11.46 -18.11 -0.35
N ASN B 64 12.46 -18.26 0.52
CA ASN B 64 12.24 -18.65 1.90
C ASN B 64 12.93 -17.76 2.92
N LYS B 65 13.73 -16.79 2.49
CA LYS B 65 14.44 -15.90 3.40
C LYS B 65 14.18 -14.45 3.03
N ALA B 66 14.08 -13.60 4.05
CA ALA B 66 13.88 -12.16 3.88
C ALA B 66 15.26 -11.52 3.75
N LYS B 67 15.65 -11.18 2.52
CA LYS B 67 16.97 -10.63 2.27
C LYS B 67 17.03 -9.12 2.40
N ILE B 68 15.89 -8.44 2.45
CA ILE B 68 15.84 -6.99 2.69
C ILE B 68 14.83 -6.74 3.81
N PRO B 69 14.94 -5.65 4.56
CA PRO B 69 14.05 -5.46 5.71
C PRO B 69 12.60 -5.15 5.36
N THR B 70 12.25 -5.03 4.08
CA THR B 70 10.86 -4.91 3.66
C THR B 70 10.20 -6.27 3.45
N HIS B 71 10.90 -7.36 3.78
CA HIS B 71 10.37 -8.70 3.66
C HIS B 71 10.29 -9.35 5.04
N VAL B 72 9.28 -10.17 5.25
CA VAL B 72 9.03 -10.83 6.53
C VAL B 72 8.76 -12.30 6.27
N GLU B 73 9.56 -13.17 6.89
CA GLU B 73 9.40 -14.61 6.72
C GLU B 73 8.29 -15.14 7.62
N ILE B 74 7.70 -16.25 7.22
CA ILE B 74 6.71 -16.95 8.03
C ILE B 74 6.95 -18.45 7.90
N GLU B 75 6.98 -19.13 9.02
CA GLU B 75 7.32 -20.56 9.04
C GLU B 75 6.09 -21.40 8.74
N LYS B 76 6.24 -22.36 7.83
CA LYS B 76 5.13 -23.27 7.51
C LYS B 76 4.79 -24.15 8.70
N LYS B 77 5.78 -24.47 9.54
CA LYS B 77 5.55 -25.24 10.76
C LYS B 77 4.81 -24.45 11.83
N LYS B 78 4.38 -23.23 11.55
CA LYS B 78 3.72 -22.40 12.55
C LYS B 78 2.37 -21.84 12.12
N TYR B 79 2.08 -21.73 10.81
CA TYR B 79 0.91 -21.00 10.35
C TYR B 79 0.11 -21.77 9.30
N LYS B 80 0.16 -23.10 9.35
CA LYS B 80 -0.62 -23.97 8.47
C LYS B 80 -0.51 -23.52 7.01
N LEU B 81 0.71 -23.55 6.51
CA LEU B 81 1.06 -22.98 5.22
C LEU B 81 1.70 -24.04 4.34
N ASP B 82 1.71 -23.79 3.03
CA ASP B 82 2.27 -24.70 2.05
C ASP B 82 3.78 -24.85 2.21
N LYS B 83 4.52 -23.78 1.98
CA LYS B 83 5.97 -23.74 2.13
C LYS B 83 6.34 -22.67 3.15
N ASP B 84 7.63 -22.60 3.46
CA ASP B 84 8.17 -21.44 4.18
C ASP B 84 8.13 -20.25 3.23
N SER B 85 7.32 -19.27 3.57
CA SER B 85 7.01 -18.17 2.66
C SER B 85 7.61 -16.87 3.16
N VAL B 86 7.50 -15.84 2.31
CA VAL B 86 8.00 -14.51 2.62
C VAL B 86 6.91 -13.50 2.28
N ILE B 87 6.58 -12.63 3.23
CA ILE B 87 5.65 -11.54 2.98
C ILE B 87 6.40 -10.39 2.34
N LEU B 88 5.88 -9.88 1.23
CA LEU B 88 6.52 -8.84 0.44
C LEU B 88 5.81 -7.51 0.70
N LEU B 89 6.34 -6.73 1.65
CA LEU B 89 5.70 -5.49 2.03
C LEU B 89 5.98 -4.35 1.06
N GLU B 90 6.70 -4.61 -0.03
CA GLU B 90 6.74 -3.68 -1.16
C GLU B 90 5.79 -4.10 -2.27
N GLN B 91 5.10 -5.21 -2.12
CA GLN B 91 4.10 -5.70 -3.08
C GLN B 91 2.74 -5.65 -2.39
N ILE B 92 2.13 -4.46 -2.39
CA ILE B 92 0.88 -4.24 -1.70
C ILE B 92 -0.14 -3.67 -2.68
N ARG B 93 -1.38 -4.13 -2.57
CA ARG B 93 -2.43 -3.67 -3.48
C ARG B 93 -3.78 -3.71 -2.77
N THR B 94 -4.67 -2.85 -3.23
CA THR B 94 -6.03 -2.79 -2.72
C THR B 94 -6.93 -3.70 -3.54
N LEU B 95 -7.70 -4.55 -2.85
CA LEU B 95 -8.59 -5.50 -3.50
C LEU B 95 -10.02 -5.26 -3.07
N ASP B 96 -10.94 -5.37 -4.02
CA ASP B 96 -12.36 -5.47 -3.68
C ASP B 96 -12.57 -6.72 -2.83
N LYS B 97 -13.44 -6.60 -1.82
CA LYS B 97 -13.62 -7.69 -0.87
C LYS B 97 -14.13 -8.97 -1.51
N LYS B 98 -14.72 -8.87 -2.70
CA LYS B 98 -15.23 -10.06 -3.38
C LYS B 98 -14.12 -11.02 -3.79
N ARG B 99 -12.88 -10.55 -3.88
CA ARG B 99 -11.76 -11.39 -4.28
C ARG B 99 -11.28 -12.32 -3.16
N LEU B 100 -11.61 -12.01 -1.90
CA LEU B 100 -11.18 -12.83 -0.77
C LEU B 100 -11.96 -14.13 -0.76
N LYS B 101 -11.27 -15.25 -0.99
CA LYS B 101 -11.95 -16.55 -1.15
C LYS B 101 -12.03 -17.30 0.18
N GLU B 102 -10.90 -17.80 0.65
CA GLU B 102 -10.85 -18.61 1.87
C GLU B 102 -9.84 -18.03 2.84
N LYS B 103 -10.23 -17.93 4.11
CA LYS B 103 -9.29 -17.52 5.15
C LYS B 103 -8.53 -18.73 5.65
N LEU B 104 -7.20 -18.62 5.68
CA LEU B 104 -6.35 -19.74 6.09
C LEU B 104 -6.00 -19.67 7.57
N THR B 105 -5.54 -18.52 8.02
CA THR B 105 -5.12 -18.30 9.41
C THR B 105 -4.93 -16.79 9.59
N TYR B 106 -4.27 -16.42 10.69
CA TYR B 106 -3.90 -15.03 10.91
C TYR B 106 -2.53 -14.97 11.55
N LEU B 107 -1.86 -13.84 11.39
CA LEU B 107 -0.53 -13.65 11.94
C LEU B 107 -0.62 -13.11 13.36
N SER B 108 0.24 -13.62 14.24
CA SER B 108 0.23 -13.19 15.63
C SER B 108 0.64 -11.73 15.75
N ASP B 109 0.34 -11.15 16.92
CA ASP B 109 0.74 -9.77 17.19
C ASP B 109 2.25 -9.61 17.08
N ASP B 110 3.01 -10.65 17.44
CA ASP B 110 4.46 -10.60 17.29
C ASP B 110 4.85 -10.50 15.82
N LYS B 111 4.21 -11.31 14.97
CA LYS B 111 4.56 -11.30 13.55
C LYS B 111 4.10 -10.02 12.87
N MET B 112 2.93 -9.51 13.25
CA MET B 112 2.42 -8.28 12.65
C MET B 112 3.27 -7.08 13.02
N LYS B 113 3.95 -7.12 14.16
CA LYS B 113 4.87 -6.03 14.51
C LYS B 113 6.03 -5.96 13.53
N GLU B 114 6.53 -7.11 13.08
CA GLU B 114 7.54 -7.11 12.03
C GLU B 114 6.97 -6.57 10.73
N VAL B 115 5.73 -6.96 10.41
CA VAL B 115 5.07 -6.44 9.22
C VAL B 115 4.93 -4.93 9.30
N ASP B 116 4.50 -4.42 10.46
CA ASP B 116 4.39 -2.98 10.65
C ASP B 116 5.72 -2.29 10.41
N ASN B 117 6.80 -2.86 10.97
CA ASN B 117 8.12 -2.28 10.76
C ASN B 117 8.52 -2.32 9.30
N ALA B 118 8.30 -3.45 8.63
CA ALA B 118 8.59 -3.54 7.20
C ALA B 118 7.78 -2.52 6.41
N LEU B 119 6.50 -2.36 6.77
CA LEU B 119 5.67 -1.35 6.11
C LEU B 119 6.23 0.05 6.31
N MET B 120 6.72 0.36 7.52
CA MET B 120 7.31 1.67 7.78
C MET B 120 8.50 1.91 6.87
N ILE B 121 9.31 0.89 6.64
CA ILE B 121 10.46 1.04 5.74
C ILE B 121 9.97 1.16 4.30
N SER B 122 9.09 0.25 3.89
CA SER B 122 8.67 0.19 2.49
C SER B 122 8.07 1.50 2.02
N LEU B 123 7.18 2.08 2.83
CA LEU B 123 6.52 3.32 2.47
C LEU B 123 7.29 4.56 2.91
N GLY B 124 8.53 4.40 3.36
CA GLY B 124 9.35 5.56 3.70
C GLY B 124 8.79 6.41 4.81
N LEU B 125 8.13 5.80 5.78
CA LEU B 125 7.60 6.49 6.96
C LEU B 125 8.62 6.51 8.09
N ASN B 126 9.90 6.62 7.77
CA ASN B 126 11.00 6.46 8.71
C ASN B 126 12.08 7.51 8.48
N ALA B 127 11.67 8.75 8.23
CA ALA B 127 12.60 9.75 7.69
C ALA B 127 12.67 10.99 8.59
N VAL B 128 13.28 10.83 9.76
CA VAL B 128 13.58 11.96 10.64
C VAL B 128 14.51 11.51 11.76
N ALA B 129 15.81 11.72 11.57
N GLN C 4 -34.07 22.06 4.59
CA GLN C 4 -33.17 21.53 5.62
C GLN C 4 -33.29 20.01 5.72
N LEU C 5 -32.54 19.42 6.65
CA LEU C 5 -32.67 18.02 7.00
C LEU C 5 -33.29 17.94 8.38
N GLN C 6 -34.47 17.32 8.47
CA GLN C 6 -35.27 17.35 9.69
C GLN C 6 -35.65 15.94 10.10
N GLU C 7 -35.27 15.55 11.32
CA GLU C 7 -35.63 14.26 11.87
CA GLU C 7 -35.63 14.25 11.88
C GLU C 7 -36.89 14.38 12.71
N SER C 8 -37.59 13.26 12.87
CA SER C 8 -38.78 13.20 13.70
C SER C 8 -39.11 11.73 13.96
N GLY C 9 -39.89 11.50 15.02
CA GLY C 9 -40.36 10.18 15.37
C GLY C 9 -39.85 9.65 16.69
N GLY C 10 -38.92 10.36 17.35
CA GLY C 10 -38.40 9.91 18.62
C GLY C 10 -39.45 9.97 19.72
N GLY C 11 -39.03 9.56 20.91
CA GLY C 11 -39.90 9.56 22.06
C GLY C 11 -39.48 8.48 23.04
N LEU C 12 -40.35 8.25 24.02
CA LEU C 12 -40.12 7.29 25.08
C LEU C 12 -40.91 6.02 24.81
N VAL C 13 -40.24 4.87 24.95
CA VAL C 13 -40.86 3.57 24.73
C VAL C 13 -40.31 2.61 25.77
N GLN C 14 -41.05 1.53 26.02
CA GLN C 14 -40.58 0.52 26.94
C GLN C 14 -39.80 -0.55 26.19
N PRO C 15 -38.99 -1.34 26.88
CA PRO C 15 -38.26 -2.43 26.20
C PRO C 15 -39.20 -3.33 25.43
N GLY C 16 -38.82 -3.65 24.20
CA GLY C 16 -39.67 -4.39 23.30
C GLY C 16 -40.56 -3.55 22.41
N GLY C 17 -40.68 -2.26 22.69
CA GLY C 17 -41.47 -1.38 21.85
C GLY C 17 -40.85 -1.14 20.49
N SER C 18 -41.51 -0.29 19.72
CA SER C 18 -41.06 0.00 18.36
C SER C 18 -41.28 1.48 18.06
N LEU C 19 -40.44 2.00 17.16
CA LEU C 19 -40.49 3.38 16.73
C LEU C 19 -40.17 3.44 15.24
N ARG C 20 -40.60 4.54 14.61
CA ARG C 20 -40.28 4.80 13.21
C ARG C 20 -39.78 6.23 13.11
N LEU C 21 -38.49 6.38 12.81
CA LEU C 21 -37.89 7.69 12.63
C LEU C 21 -37.97 8.11 11.18
N SER C 22 -38.15 9.41 10.96
CA SER C 22 -38.19 9.98 9.61
C SER C 22 -37.05 10.97 9.44
N CYS C 23 -36.51 11.01 8.23
CA CYS C 23 -35.48 11.98 7.85
C CYS C 23 -35.95 12.64 6.56
N ALA C 24 -36.45 13.87 6.67
CA ALA C 24 -37.06 14.57 5.54
C ALA C 24 -36.17 15.74 5.11
N ALA C 25 -36.07 15.94 3.81
CA ALA C 25 -35.35 17.07 3.24
C ALA C 25 -36.34 18.05 2.63
N SER C 26 -36.01 19.34 2.73
CA SER C 26 -36.83 20.41 2.19
C SER C 26 -35.98 21.32 1.33
N GLY C 27 -36.44 21.57 0.10
CA GLY C 27 -35.71 22.40 -0.83
C GLY C 27 -34.79 21.65 -1.77
N PHE C 28 -34.48 20.39 -1.48
CA PHE C 28 -33.66 19.57 -2.36
C PHE C 28 -34.12 18.13 -2.24
N THR C 29 -33.66 17.30 -3.16
CA THR C 29 -34.09 15.91 -3.25
C THR C 29 -33.00 14.98 -2.73
N LEU C 30 -33.42 13.90 -2.08
CA LEU C 30 -32.53 12.91 -1.49
C LEU C 30 -32.29 11.70 -2.38
N ASP C 31 -32.95 11.63 -3.54
CA ASP C 31 -32.95 10.41 -4.33
C ASP C 31 -31.55 9.98 -4.75
N TYR C 32 -30.67 10.94 -5.03
CA TYR C 32 -29.31 10.65 -5.47
C TYR C 32 -28.29 10.75 -4.35
N TYR C 33 -28.75 10.94 -3.11
CA TYR C 33 -27.87 11.12 -1.97
C TYR C 33 -27.60 9.80 -1.27
N ALA C 34 -26.47 9.74 -0.58
CA ALA C 34 -26.24 8.70 0.41
C ALA C 34 -26.77 9.18 1.74
N ILE C 35 -27.49 8.31 2.45
CA ILE C 35 -28.16 8.65 3.69
C ILE C 35 -27.68 7.71 4.78
N GLY C 36 -27.36 8.26 5.94
CA GLY C 36 -26.94 7.46 7.08
C GLY C 36 -27.68 7.84 8.33
N TRP C 37 -27.96 6.84 9.16
CA TRP C 37 -28.51 7.05 10.49
C TRP C 37 -27.43 6.80 11.53
N PHE C 38 -27.21 7.79 12.38
CA PHE C 38 -26.21 7.72 13.43
C PHE C 38 -26.88 8.00 14.77
N ARG C 39 -26.36 7.37 15.83
CA ARG C 39 -26.89 7.58 17.17
C ARG C 39 -25.76 7.99 18.10
N GLN C 40 -26.09 8.86 19.05
CA GLN C 40 -25.13 9.43 19.99
C GLN C 40 -25.66 9.26 21.39
N ALA C 41 -24.97 8.47 22.21
CA ALA C 41 -25.40 8.24 23.58
C ALA C 41 -24.53 9.04 24.55
N PRO C 42 -25.11 9.48 25.67
CA PRO C 42 -24.32 10.20 26.67
C PRO C 42 -23.17 9.35 27.19
N GLY C 43 -21.98 9.94 27.23
CA GLY C 43 -20.78 9.24 27.64
C GLY C 43 -20.25 8.22 26.65
N LYS C 44 -21.02 7.86 25.63
CA LYS C 44 -20.59 6.91 24.61
C LYS C 44 -20.19 7.64 23.34
N GLU C 45 -19.57 6.90 22.43
CA GLU C 45 -19.14 7.44 21.15
C GLU C 45 -20.25 7.32 20.12
N ARG C 46 -19.95 7.72 18.89
CA ARG C 46 -20.92 7.74 17.80
C ARG C 46 -20.74 6.52 16.91
N GLU C 47 -21.86 5.91 16.51
CA GLU C 47 -21.85 4.73 15.65
C GLU C 47 -22.85 4.90 14.53
N GLY C 48 -22.42 4.52 13.32
CA GLY C 48 -23.34 4.46 12.20
C GLY C 48 -24.28 3.27 12.36
N VAL C 49 -25.58 3.55 12.48
CA VAL C 49 -26.56 2.50 12.72
C VAL C 49 -26.93 1.80 11.43
N SER C 50 -27.28 2.58 10.41
CA SER C 50 -27.72 2.04 9.14
C SER C 50 -27.52 3.09 8.07
N CYS C 51 -26.98 2.67 6.93
CA CYS C 51 -26.68 3.58 5.84
C CYS C 51 -27.03 2.92 4.51
N ILE C 52 -27.38 3.75 3.54
CA ILE C 52 -27.73 3.29 2.20
C ILE C 52 -27.07 4.23 1.19
N SER C 53 -26.63 3.68 0.07
CA SER C 53 -26.01 4.48 -0.97
C SER C 53 -27.08 5.15 -1.82
N SER C 54 -26.66 5.88 -2.86
CA SER C 54 -27.61 6.49 -3.77
C SER C 54 -28.44 5.43 -4.49
N SER C 55 -27.80 4.33 -4.89
CA SER C 55 -28.53 3.15 -5.29
C SER C 55 -28.98 2.38 -4.07
N ASP C 56 -30.11 1.69 -4.20
CA ASP C 56 -30.72 0.95 -3.10
C ASP C 56 -30.42 -0.54 -3.17
N GLY C 57 -29.29 -0.92 -3.75
CA GLY C 57 -28.83 -2.28 -3.69
C GLY C 57 -27.94 -2.54 -2.48
N SER C 58 -27.17 -1.52 -2.07
CA SER C 58 -26.19 -1.64 -1.00
C SER C 58 -26.72 -0.95 0.25
N THR C 59 -27.09 -1.72 1.26
CA THR C 59 -27.52 -1.23 2.56
C THR C 59 -26.61 -1.81 3.63
N TYR C 60 -26.37 -1.03 4.69
CA TYR C 60 -25.56 -1.46 5.81
C TYR C 60 -26.36 -1.38 7.11
N TYR C 61 -26.10 -2.32 8.01
CA TYR C 61 -26.64 -2.29 9.35
C TYR C 61 -25.54 -2.63 10.33
N ALA C 62 -25.43 -1.87 11.41
CA ALA C 62 -24.51 -2.22 12.48
C ALA C 62 -24.92 -3.57 13.08
N ASP C 63 -23.94 -4.33 13.57
CA ASP C 63 -24.21 -5.66 14.09
C ASP C 63 -25.24 -5.65 15.21
N SER C 64 -25.26 -4.59 16.01
CA SER C 64 -26.15 -4.53 17.16
C SER C 64 -27.59 -4.23 16.80
N VAL C 65 -27.89 -3.92 15.53
CA VAL C 65 -29.25 -3.60 15.11
C VAL C 65 -29.73 -4.49 13.96
N LYS C 66 -28.89 -5.41 13.48
CA LYS C 66 -29.32 -6.32 12.42
C LYS C 66 -30.48 -7.19 12.90
N GLY C 67 -31.49 -7.34 12.06
CA GLY C 67 -32.68 -8.09 12.41
C GLY C 67 -33.70 -7.33 13.22
N ARG C 68 -33.39 -6.12 13.68
CA ARG C 68 -34.31 -5.30 14.44
C ARG C 68 -34.63 -3.97 13.78
N PHE C 69 -33.68 -3.36 13.07
CA PHE C 69 -33.89 -2.07 12.42
C PHE C 69 -33.97 -2.27 10.91
N THR C 70 -34.77 -1.43 10.27
CA THR C 70 -34.93 -1.46 8.82
C THR C 70 -34.89 -0.03 8.30
N ILE C 71 -34.03 0.22 7.32
CA ILE C 71 -33.96 1.52 6.66
C ILE C 71 -34.59 1.38 5.28
N SER C 72 -35.23 2.46 4.83
CA SER C 72 -35.83 2.48 3.50
C SER C 72 -36.08 3.92 3.10
N ARG C 73 -35.75 4.26 1.86
CA ARG C 73 -35.96 5.61 1.37
C ARG C 73 -37.30 5.69 0.66
N ASP C 74 -38.08 6.71 0.98
CA ASP C 74 -39.34 6.99 0.30
C ASP C 74 -39.08 8.22 -0.57
N ASN C 75 -38.65 7.96 -1.81
CA ASN C 75 -38.32 9.06 -2.72
C ASN C 75 -39.53 9.96 -2.96
N ALA C 76 -40.71 9.35 -3.14
CA ALA C 76 -41.93 10.13 -3.37
C ALA C 76 -42.18 11.13 -2.26
N LYS C 77 -41.79 10.80 -1.02
CA LYS C 77 -41.94 11.69 0.12
C LYS C 77 -40.64 12.38 0.48
N ASN C 78 -39.58 12.22 -0.32
CA ASN C 78 -38.28 12.84 -0.06
C ASN C 78 -37.80 12.54 1.36
N THR C 79 -38.06 11.33 1.82
CA THR C 79 -37.88 10.96 3.22
C THR C 79 -37.23 9.59 3.31
N VAL C 80 -36.33 9.43 4.27
CA VAL C 80 -35.71 8.14 4.57
C VAL C 80 -36.15 7.74 5.98
N TYR C 81 -36.75 6.56 6.10
CA TYR C 81 -37.25 6.08 7.37
C TYR C 81 -36.27 5.11 8.01
N LEU C 82 -36.29 5.08 9.34
CA LEU C 82 -35.60 4.06 10.12
C LEU C 82 -36.64 3.40 11.02
N GLU C 83 -37.09 2.20 10.64
CA GLU C 83 -38.02 1.44 11.46
C GLU C 83 -37.23 0.69 12.53
N MET C 84 -37.53 0.98 13.80
CA MET C 84 -36.83 0.38 14.93
C MET C 84 -37.77 -0.59 15.63
N ASN C 85 -37.51 -1.87 15.49
CA ASN C 85 -38.27 -2.92 16.16
C ASN C 85 -37.42 -3.52 17.27
N SER C 86 -38.10 -4.20 18.21
CA SER C 86 -37.46 -4.89 19.32
C SER C 86 -36.46 -3.98 20.04
N LEU C 87 -36.94 -2.80 20.42
CA LEU C 87 -36.06 -1.80 21.01
C LEU C 87 -35.56 -2.24 22.38
N LYS C 88 -34.29 -1.99 22.64
CA LYS C 88 -33.63 -2.36 23.88
C LYS C 88 -33.13 -1.11 24.61
N PRO C 89 -32.92 -1.18 25.92
CA PRO C 89 -32.40 -0.01 26.64
C PRO C 89 -31.10 0.51 26.06
N GLU C 90 -30.25 -0.35 25.52
CA GLU C 90 -29.00 0.07 24.90
C GLU C 90 -29.21 0.91 23.65
N ASP C 91 -30.43 0.96 23.12
CA ASP C 91 -30.73 1.82 21.98
C ASP C 91 -31.00 3.26 22.37
N THR C 92 -31.01 3.57 23.66
CA THR C 92 -31.26 4.93 24.13
C THR C 92 -30.12 5.84 23.69
N ALA C 93 -30.44 6.81 22.85
CA ALA C 93 -29.45 7.76 22.34
C ALA C 93 -30.20 8.86 21.59
N VAL C 94 -29.44 9.84 21.11
CA VAL C 94 -29.94 10.82 20.15
C VAL C 94 -29.62 10.30 18.76
N TYR C 95 -30.64 10.20 17.92
CA TYR C 95 -30.49 9.65 16.57
C TYR C 95 -30.43 10.79 15.56
N TYR C 96 -29.37 10.80 14.75
CA TYR C 96 -29.20 11.78 13.68
C TYR C 96 -29.25 11.07 12.34
N CYS C 97 -29.80 11.77 11.35
CA CYS C 97 -29.64 11.37 9.96
C CYS C 97 -28.75 12.38 9.24
N ALA C 98 -28.01 11.89 8.26
CA ALA C 98 -27.10 12.73 7.49
C ALA C 98 -27.20 12.34 6.03
N ALA C 99 -26.95 13.31 5.15
CA ALA C 99 -27.08 13.14 3.72
C ALA C 99 -25.82 13.63 3.01
N GLU C 100 -25.36 12.86 2.03
CA GLU C 100 -24.17 13.18 1.26
C GLU C 100 -24.56 13.42 -0.18
N ALA C 101 -24.31 14.63 -0.68
CA ALA C 101 -24.69 14.95 -2.05
C ALA C 101 -23.69 14.34 -3.03
N PRO C 102 -24.15 13.98 -4.23
CA PRO C 102 -23.23 13.53 -5.28
C PRO C 102 -22.22 14.62 -5.62
N PRO C 103 -21.07 14.26 -6.20
CA PRO C 103 -20.63 12.91 -6.59
C PRO C 103 -20.31 12.00 -5.41
N LEU C 104 -20.47 10.70 -5.62
CA LEU C 104 -20.19 9.69 -4.60
C LEU C 104 -19.05 8.82 -5.08
N LEU C 105 -18.15 8.47 -4.15
CA LEU C 105 -16.96 7.71 -4.51
C LEU C 105 -17.25 6.23 -4.66
N TYR C 106 -17.96 5.64 -3.69
CA TYR C 106 -18.25 4.23 -3.69
C TYR C 106 -19.74 3.99 -3.56
N ASP C 107 -20.21 2.90 -4.18
CA ASP C 107 -21.58 2.45 -4.02
C ASP C 107 -21.65 1.40 -2.90
N SER C 108 -21.28 1.84 -1.71
CA SER C 108 -21.22 0.98 -0.52
C SER C 108 -21.89 1.70 0.64
N GLY C 109 -23.02 1.15 1.10
CA GLY C 109 -23.69 1.74 2.25
C GLY C 109 -22.81 1.75 3.48
N SER C 110 -22.05 0.68 3.70
CA SER C 110 -21.17 0.61 4.86
C SER C 110 -20.12 1.71 4.83
N TYR C 111 -19.67 2.10 3.64
CA TYR C 111 -18.66 3.14 3.52
C TYR C 111 -19.12 4.44 4.18
N TYR C 112 -20.39 4.81 4.00
CA TYR C 112 -20.91 6.05 4.56
C TYR C 112 -21.34 5.92 6.01
N CYS C 113 -21.30 4.71 6.58
CA CYS C 113 -21.61 4.51 7.99
C CYS C 113 -20.37 4.50 8.88
N GLN C 114 -19.18 4.65 8.32
CA GLN C 114 -17.98 4.66 9.13
C GLN C 114 -17.97 5.88 10.05
N PRO C 115 -17.31 5.79 11.21
CA PRO C 115 -17.55 6.77 12.27
C PRO C 115 -17.20 8.21 11.93
N LEU C 116 -16.24 8.43 11.03
CA LEU C 116 -15.72 9.78 10.80
C LEU C 116 -16.03 10.31 9.40
N TYR C 117 -17.11 9.85 8.77
CA TYR C 117 -17.46 10.39 7.46
C TYR C 117 -18.00 11.81 7.60
N GLN C 118 -17.49 12.72 6.76
CA GLN C 118 -17.90 14.12 6.79
C GLN C 118 -19.04 14.31 5.81
N TYR C 119 -20.28 14.28 6.32
CA TYR C 119 -21.46 14.46 5.50
C TYR C 119 -21.66 15.93 5.13
N ASP C 120 -22.35 16.16 4.02
CA ASP C 120 -22.66 17.53 3.63
C ASP C 120 -23.76 18.12 4.49
N TYR C 121 -24.80 17.34 4.76
CA TYR C 121 -25.97 17.78 5.51
C TYR C 121 -26.28 16.78 6.61
N TRP C 122 -27.00 17.27 7.63
CA TRP C 122 -27.42 16.46 8.76
CA TRP C 122 -27.43 16.45 8.75
C TRP C 122 -28.58 17.18 9.44
N GLY C 123 -29.26 16.47 10.33
CA GLY C 123 -30.41 17.00 11.03
C GLY C 123 -30.13 17.28 12.51
N GLN C 124 -31.09 17.96 13.15
CA GLN C 124 -30.97 18.36 14.54
C GLN C 124 -31.06 17.19 15.53
N GLY C 125 -31.28 15.97 15.06
CA GLY C 125 -31.34 14.82 15.94
C GLY C 125 -32.68 14.67 16.64
N THR C 126 -33.04 13.44 17.00
CA THR C 126 -34.26 13.18 17.73
C THR C 126 -33.96 12.23 18.88
N GLN C 127 -34.55 12.52 20.05
CA GLN C 127 -34.27 11.74 21.25
C GLN C 127 -35.05 10.44 21.24
N VAL C 128 -34.36 9.34 21.51
CA VAL C 128 -34.96 8.02 21.64
C VAL C 128 -34.57 7.46 23.00
N THR C 129 -35.57 7.16 23.83
CA THR C 129 -35.35 6.63 25.17
C THR C 129 -36.12 5.32 25.31
N VAL C 130 -35.44 4.30 25.82
CA VAL C 130 -36.04 2.98 26.05
C VAL C 130 -35.82 2.62 27.51
N SER C 131 -36.90 2.59 28.28
CA SER C 131 -36.83 2.15 29.68
C SER C 131 -38.21 1.72 30.17
N SER C 132 -38.22 0.75 31.08
CA SER C 132 -39.47 0.24 31.64
N GLN D 4 34.73 -20.70 -1.41
CA GLN D 4 33.48 -20.26 -2.02
C GLN D 4 33.69 -19.16 -3.06
N LEU D 5 33.52 -17.91 -2.64
CA LEU D 5 33.61 -16.76 -3.55
C LEU D 5 34.95 -16.05 -3.33
N GLN D 6 35.88 -16.26 -4.26
CA GLN D 6 37.21 -15.68 -4.19
C GLN D 6 37.33 -14.58 -5.23
N GLU D 7 37.78 -13.40 -4.80
CA GLU D 7 37.91 -12.25 -5.68
C GLU D 7 39.32 -11.66 -5.59
N SER D 8 39.72 -10.99 -6.66
CA SER D 8 41.06 -10.42 -6.78
C SER D 8 41.04 -9.36 -7.88
N GLY D 9 42.19 -8.74 -8.10
CA GLY D 9 42.37 -7.77 -9.17
C GLY D 9 42.55 -6.34 -8.72
N GLY D 10 42.40 -6.05 -7.43
CA GLY D 10 42.55 -4.69 -6.96
C GLY D 10 44.01 -4.25 -6.93
N GLY D 11 44.19 -2.96 -6.65
CA GLY D 11 45.54 -2.41 -6.57
C GLY D 11 45.49 -0.90 -6.53
N LEU D 12 46.66 -0.30 -6.69
CA LEU D 12 46.83 1.14 -6.72
C LEU D 12 47.06 1.59 -8.16
N VAL D 13 46.30 2.59 -8.59
CA VAL D 13 46.38 3.11 -9.94
C VAL D 13 46.25 4.62 -9.90
N GLN D 14 46.78 5.29 -10.92
CA GLN D 14 46.63 6.73 -11.04
C GLN D 14 45.32 7.07 -11.74
N PRO D 15 44.81 8.29 -11.56
CA PRO D 15 43.56 8.67 -12.24
C PRO D 15 43.68 8.47 -13.75
N GLY D 16 42.62 7.91 -14.34
CA GLY D 16 42.61 7.58 -15.74
C GLY D 16 43.01 6.15 -16.06
N GLY D 17 43.63 5.45 -15.11
CA GLY D 17 44.01 4.07 -15.32
C GLY D 17 42.81 3.13 -15.29
N SER D 18 43.10 1.86 -15.52
CA SER D 18 42.09 0.82 -15.58
C SER D 18 42.50 -0.37 -14.74
N LEU D 19 41.50 -1.13 -14.29
CA LEU D 19 41.70 -2.37 -13.56
C LEU D 19 40.64 -3.37 -14.00
N ARG D 20 40.85 -4.63 -13.62
CA ARG D 20 39.87 -5.69 -13.87
C ARG D 20 39.77 -6.54 -12.61
N LEU D 21 38.61 -6.50 -11.97
CA LEU D 21 38.33 -7.35 -10.82
C LEU D 21 37.76 -8.69 -11.29
N SER D 22 38.12 -9.75 -10.58
CA SER D 22 37.63 -11.09 -10.87
C SER D 22 36.96 -11.67 -9.64
N CYS D 23 35.99 -12.56 -9.89
CA CYS D 23 35.20 -13.16 -8.82
C CYS D 23 34.92 -14.60 -9.23
N ALA D 24 35.61 -15.55 -8.60
CA ALA D 24 35.48 -16.96 -8.92
C ALA D 24 34.76 -17.68 -7.80
N ALA D 25 33.99 -18.71 -8.18
CA ALA D 25 33.24 -19.53 -7.24
C ALA D 25 33.69 -20.98 -7.33
N SER D 26 33.79 -21.62 -6.17
CA SER D 26 34.19 -23.03 -6.08
C SER D 26 33.10 -23.79 -5.35
N GLY D 27 32.46 -24.71 -6.05
CA GLY D 27 31.42 -25.55 -5.47
C GLY D 27 30.02 -25.29 -5.99
N PHE D 28 29.82 -24.25 -6.79
CA PHE D 28 28.50 -23.96 -7.36
C PHE D 28 28.68 -23.15 -8.64
N THR D 29 27.64 -23.14 -9.46
CA THR D 29 27.68 -22.54 -10.78
C THR D 29 27.14 -21.13 -10.74
N LEU D 30 28.00 -20.15 -11.04
CA LEU D 30 27.61 -18.74 -10.99
C LEU D 30 26.56 -18.37 -12.03
N ASP D 31 26.44 -19.14 -13.11
CA ASP D 31 25.52 -18.78 -14.18
C ASP D 31 24.06 -18.78 -13.70
N TYR D 32 23.75 -19.52 -12.64
CA TYR D 32 22.40 -19.57 -12.10
C TYR D 32 22.17 -18.54 -11.00
N TYR D 33 23.12 -17.66 -10.75
CA TYR D 33 23.08 -16.74 -9.63
C TYR D 33 22.94 -15.31 -10.10
N ALA D 34 22.34 -14.47 -9.26
CA ALA D 34 22.46 -13.03 -9.40
C ALA D 34 23.80 -12.60 -8.81
N ILE D 35 24.54 -11.78 -9.54
CA ILE D 35 25.87 -11.35 -9.14
C ILE D 35 25.86 -9.84 -8.95
N GLY D 36 26.44 -9.38 -7.85
CA GLY D 36 26.56 -7.96 -7.60
C GLY D 36 27.98 -7.57 -7.28
N TRP D 37 28.33 -6.35 -7.68
CA TRP D 37 29.59 -5.73 -7.32
C TRP D 37 29.30 -4.53 -6.44
N PHE D 38 29.82 -4.56 -5.21
CA PHE D 38 29.61 -3.49 -4.24
C PHE D 38 30.96 -2.88 -3.86
N ARG D 39 30.94 -1.60 -3.51
CA ARG D 39 32.13 -0.93 -3.02
C ARG D 39 31.81 -0.21 -1.72
N GLN D 40 32.75 -0.26 -0.78
CA GLN D 40 32.60 0.34 0.53
C GLN D 40 33.68 1.40 0.71
N ALA D 41 33.29 2.64 0.64
CA ALA D 41 34.20 3.74 0.91
C ALA D 41 34.17 4.11 2.40
N PRO D 42 35.27 4.64 2.93
CA PRO D 42 35.30 4.95 4.37
C PRO D 42 34.27 5.99 4.75
N GLY D 43 33.40 5.63 5.69
CA GLY D 43 32.41 6.54 6.22
C GLY D 43 31.13 6.65 5.42
N LYS D 44 31.00 5.94 4.31
CA LYS D 44 29.84 6.04 3.45
C LYS D 44 29.14 4.69 3.34
N GLU D 45 27.85 4.76 3.01
CA GLU D 45 27.04 3.56 2.87
C GLU D 45 27.52 2.70 1.71
N ARG D 46 27.42 1.38 1.90
CA ARG D 46 27.64 0.43 0.82
C ARG D 46 26.86 0.81 -0.43
N GLU D 47 27.53 0.83 -1.57
CA GLU D 47 26.94 1.26 -2.83
C GLU D 47 26.97 0.11 -3.83
N GLY D 48 25.79 -0.26 -4.34
CA GLY D 48 25.72 -1.21 -5.44
C GLY D 48 26.15 -0.55 -6.74
N VAL D 49 27.26 -1.00 -7.30
CA VAL D 49 27.87 -0.36 -8.46
C VAL D 49 27.45 -1.04 -9.76
N SER D 50 27.41 -2.36 -9.78
CA SER D 50 27.01 -3.09 -10.98
C SER D 50 26.45 -4.45 -10.58
N CYS D 51 25.24 -4.76 -11.03
CA CYS D 51 24.60 -6.01 -10.70
C CYS D 51 23.88 -6.56 -11.93
N ILE D 52 23.78 -7.89 -11.98
CA ILE D 52 23.09 -8.59 -13.05
C ILE D 52 22.33 -9.76 -12.44
N SER D 53 21.12 -9.99 -12.93
CA SER D 53 20.37 -11.16 -12.49
C SER D 53 20.95 -12.40 -13.15
N SER D 54 20.47 -13.57 -12.72
CA SER D 54 20.94 -14.84 -13.27
C SER D 54 20.80 -14.92 -14.78
N SER D 55 20.03 -14.02 -15.39
CA SER D 55 19.93 -13.92 -16.84
C SER D 55 20.86 -12.82 -17.32
N ASP D 56 21.69 -13.14 -18.31
CA ASP D 56 22.64 -12.16 -18.84
C ASP D 56 21.94 -11.15 -19.73
N GLY D 57 20.95 -10.46 -19.18
CA GLY D 57 20.13 -9.55 -19.97
C GLY D 57 19.30 -8.64 -19.08
N SER D 58 19.79 -8.38 -17.87
CA SER D 58 19.18 -7.41 -16.98
C SER D 58 20.22 -6.77 -16.08
N THR D 59 21.04 -5.89 -16.64
CA THR D 59 22.22 -5.36 -15.95
C THR D 59 21.92 -3.97 -15.40
N TYR D 60 22.35 -3.74 -14.16
CA TYR D 60 22.29 -2.43 -13.54
C TYR D 60 23.69 -1.86 -13.41
N TYR D 61 23.82 -0.56 -13.64
CA TYR D 61 25.03 0.18 -13.36
C TYR D 61 24.67 1.42 -12.57
N ALA D 62 25.46 1.70 -11.54
CA ALA D 62 25.29 2.95 -10.82
C ALA D 62 25.59 4.12 -11.76
N ASP D 63 24.89 5.23 -11.54
CA ASP D 63 25.07 6.38 -12.41
C ASP D 63 26.47 6.96 -12.32
N SER D 64 27.15 6.77 -11.18
CA SER D 64 28.50 7.26 -11.04
C SER D 64 29.50 6.46 -11.87
N VAL D 65 29.17 5.24 -12.27
CA VAL D 65 30.07 4.40 -13.05
C VAL D 65 29.55 4.09 -14.44
N LYS D 66 28.40 4.63 -14.84
CA LYS D 66 27.87 4.37 -16.16
C LYS D 66 28.84 4.87 -17.24
N GLY D 67 29.17 3.97 -18.17
CA GLY D 67 30.10 4.27 -19.24
C GLY D 67 31.55 3.97 -18.95
N ARG D 68 31.91 3.74 -17.69
CA ARG D 68 33.28 3.44 -17.29
C ARG D 68 33.48 2.01 -16.83
N PHE D 69 32.49 1.43 -16.14
CA PHE D 69 32.59 0.07 -15.62
C PHE D 69 31.78 -0.87 -16.49
N THR D 70 32.25 -2.11 -16.59
CA THR D 70 31.58 -3.15 -17.36
C THR D 70 31.62 -4.46 -16.59
N ILE D 71 30.47 -5.10 -16.45
CA ILE D 71 30.37 -6.41 -15.82
C ILE D 71 30.20 -7.45 -16.92
N SER D 72 30.80 -8.62 -16.72
CA SER D 72 30.68 -9.70 -17.69
C SER D 72 30.90 -11.02 -16.99
N ARG D 73 30.09 -12.01 -17.36
CA ARG D 73 30.18 -13.35 -16.80
C ARG D 73 30.86 -14.29 -17.78
N ASP D 74 31.78 -15.11 -17.27
CA ASP D 74 32.48 -16.11 -18.05
C ASP D 74 32.03 -17.48 -17.54
N ASN D 75 30.95 -18.00 -18.13
CA ASN D 75 30.37 -19.26 -17.70
C ASN D 75 31.30 -20.45 -17.93
N ALA D 76 32.37 -20.28 -18.72
CA ALA D 76 33.33 -21.35 -18.90
C ALA D 76 34.33 -21.41 -17.75
N LYS D 77 34.66 -20.28 -17.14
CA LYS D 77 35.57 -20.24 -16.01
C LYS D 77 34.86 -20.12 -14.67
N ASN D 78 33.53 -20.10 -14.67
CA ASN D 78 32.74 -19.91 -13.46
C ASN D 78 33.19 -18.65 -12.72
N THR D 79 33.36 -17.58 -13.49
CA THR D 79 33.96 -16.35 -12.99
C THR D 79 33.20 -15.15 -13.53
N VAL D 80 33.13 -14.10 -12.71
CA VAL D 80 32.53 -12.84 -13.10
C VAL D 80 33.58 -11.75 -12.97
N TYR D 81 33.55 -10.78 -13.88
CA TYR D 81 34.54 -9.71 -13.91
C TYR D 81 33.87 -8.35 -13.81
N LEU D 82 34.59 -7.39 -13.23
CA LEU D 82 34.23 -5.99 -13.25
C LEU D 82 35.37 -5.23 -13.90
N GLU D 83 35.20 -4.84 -15.16
CA GLU D 83 36.20 -4.04 -15.85
C GLU D 83 35.98 -2.58 -15.50
N MET D 84 37.00 -1.94 -14.92
CA MET D 84 36.91 -0.56 -14.46
C MET D 84 37.86 0.30 -15.29
N ASN D 85 37.30 1.20 -16.10
CA ASN D 85 38.08 2.12 -16.91
C ASN D 85 37.86 3.55 -16.43
N SER D 86 38.79 4.43 -16.83
CA SER D 86 38.73 5.84 -16.48
C SER D 86 38.53 6.03 -14.98
N LEU D 87 39.35 5.33 -14.19
CA LEU D 87 39.19 5.35 -12.75
C LEU D 87 39.44 6.76 -12.20
N LYS D 88 38.71 7.09 -11.15
CA LYS D 88 38.74 8.40 -10.52
C LYS D 88 39.03 8.24 -9.03
N PRO D 89 39.58 9.27 -8.39
CA PRO D 89 39.86 9.15 -6.95
C PRO D 89 38.63 8.82 -6.12
N GLU D 90 37.44 9.20 -6.59
CA GLU D 90 36.21 8.87 -5.87
C GLU D 90 35.82 7.41 -6.01
N ASP D 91 36.51 6.63 -6.86
CA ASP D 91 36.29 5.20 -6.93
C ASP D 91 37.07 4.42 -5.87
N THR D 92 37.90 5.11 -5.08
CA THR D 92 38.68 4.45 -4.04
C THR D 92 37.77 3.84 -2.97
N ALA D 93 37.86 2.53 -2.80
CA ALA D 93 37.01 1.80 -1.87
C ALA D 93 37.46 0.34 -1.84
N VAL D 94 36.88 -0.41 -0.92
CA VAL D 94 36.98 -1.86 -0.89
C VAL D 94 35.84 -2.43 -1.73
N TYR D 95 36.19 -3.22 -2.75
CA TYR D 95 35.20 -3.75 -3.68
C TYR D 95 34.88 -5.20 -3.33
N TYR D 96 33.59 -5.52 -3.31
CA TYR D 96 33.09 -6.85 -3.00
C TYR D 96 32.24 -7.36 -4.16
N CYS D 97 32.40 -8.64 -4.47
CA CYS D 97 31.43 -9.34 -5.30
C CYS D 97 30.55 -10.22 -4.42
N ALA D 98 29.35 -10.49 -4.90
CA ALA D 98 28.39 -11.26 -4.13
C ALA D 98 27.48 -12.02 -5.08
N ALA D 99 27.06 -13.21 -4.65
CA ALA D 99 26.26 -14.10 -5.46
C ALA D 99 25.03 -14.53 -4.67
N GLU D 100 23.88 -14.51 -5.33
CA GLU D 100 22.61 -14.88 -4.72
C GLU D 100 22.08 -16.14 -5.42
N ALA D 101 21.81 -17.18 -4.63
CA ALA D 101 21.38 -18.44 -5.20
C ALA D 101 19.91 -18.37 -5.63
N PRO D 102 19.54 -19.11 -6.67
CA PRO D 102 18.14 -19.17 -7.09
C PRO D 102 17.35 -20.10 -6.19
N PRO D 103 16.00 -20.03 -6.21
CA PRO D 103 15.13 -19.17 -7.00
C PRO D 103 15.28 -17.68 -6.69
N LEU D 104 15.14 -16.85 -7.72
CA LEU D 104 15.23 -15.40 -7.58
C LEU D 104 13.83 -14.80 -7.61
N LEU D 105 13.60 -13.82 -6.73
CA LEU D 105 12.28 -13.20 -6.65
C LEU D 105 11.99 -12.31 -7.87
N TYR D 106 12.99 -11.53 -8.30
CA TYR D 106 12.83 -10.64 -9.43
C TYR D 106 13.96 -10.85 -10.42
N ASP D 107 13.64 -10.84 -11.71
CA ASP D 107 14.67 -10.76 -12.75
C ASP D 107 15.00 -9.30 -12.99
N SER D 108 15.75 -8.73 -12.06
CA SER D 108 16.07 -7.31 -12.08
C SER D 108 17.44 -7.11 -11.46
N GLY D 109 18.40 -6.68 -12.28
CA GLY D 109 19.72 -6.40 -11.74
C GLY D 109 19.70 -5.31 -10.68
N SER D 110 18.91 -4.26 -10.90
CA SER D 110 18.88 -3.14 -9.98
C SER D 110 18.36 -3.54 -8.60
N TYR D 111 17.42 -4.49 -8.55
CA TYR D 111 16.88 -4.94 -7.27
C TYR D 111 17.96 -5.50 -6.36
N TYR D 112 18.90 -6.27 -6.93
CA TYR D 112 19.95 -6.88 -6.13
C TYR D 112 21.13 -5.96 -5.89
N CYS D 113 21.11 -4.74 -6.41
CA CYS D 113 22.15 -3.75 -6.18
C CYS D 113 21.79 -2.75 -5.09
N GLN D 114 20.62 -2.89 -4.46
CA GLN D 114 20.28 -1.99 -3.36
C GLN D 114 21.20 -2.26 -2.17
N PRO D 115 21.46 -1.24 -1.35
CA PRO D 115 22.56 -1.35 -0.36
C PRO D 115 22.37 -2.44 0.67
N LEU D 116 21.13 -2.82 0.99
CA LEU D 116 20.86 -3.68 2.13
C LEU D 116 20.67 -5.15 1.77
N TYR D 117 20.81 -5.53 0.50
CA TYR D 117 20.49 -6.89 0.11
C TYR D 117 21.52 -7.88 0.65
N GLN D 118 21.03 -8.89 1.37
CA GLN D 118 21.91 -9.87 2.02
C GLN D 118 22.10 -11.06 1.08
N TYR D 119 23.12 -10.96 0.23
CA TYR D 119 23.46 -12.05 -0.68
C TYR D 119 23.82 -13.32 0.10
N ASP D 120 23.61 -14.47 -0.55
CA ASP D 120 24.01 -15.74 0.06
C ASP D 120 25.52 -15.80 0.26
N TYR D 121 26.28 -15.41 -0.77
CA TYR D 121 27.73 -15.53 -0.73
C TYR D 121 28.37 -14.18 -1.03
N TRP D 122 29.47 -13.89 -0.32
CA TRP D 122 30.24 -12.67 -0.52
C TRP D 122 31.70 -13.03 -0.76
N GLY D 123 32.36 -12.24 -1.59
CA GLY D 123 33.80 -12.31 -1.68
C GLY D 123 34.47 -11.72 -0.45
N GLN D 124 35.78 -11.90 -0.36
CA GLN D 124 36.55 -11.37 0.75
CA GLN D 124 36.52 -11.36 0.78
C GLN D 124 36.81 -9.87 0.63
N GLY D 125 36.65 -9.30 -0.55
CA GLY D 125 36.92 -7.88 -0.72
C GLY D 125 38.33 -7.60 -1.19
N THR D 126 38.45 -6.59 -2.04
CA THR D 126 39.75 -6.15 -2.53
C THR D 126 39.78 -4.63 -2.61
N GLN D 127 40.90 -4.05 -2.18
CA GLN D 127 41.05 -2.61 -2.15
C GLN D 127 41.38 -2.07 -3.54
N VAL D 128 40.70 -0.99 -3.91
CA VAL D 128 41.00 -0.23 -5.11
C VAL D 128 41.32 1.19 -4.67
N THR D 129 42.49 1.70 -5.08
CA THR D 129 42.95 3.02 -4.69
C THR D 129 43.41 3.78 -5.93
N VAL D 130 42.83 4.96 -6.13
CA VAL D 130 43.15 5.83 -7.27
C VAL D 130 43.56 7.17 -6.72
N SER D 131 44.82 7.56 -6.93
CA SER D 131 45.32 8.81 -6.40
C SER D 131 46.48 9.31 -7.24
N SER D 132 46.90 10.54 -6.95
CA SER D 132 48.02 11.18 -7.62
C SER D 132 48.77 12.04 -6.60
N HIS D 133 50.03 12.33 -6.92
CA HIS D 133 50.86 13.16 -6.04
C HIS D 133 50.38 14.61 -6.07
N HIS D 134 50.56 15.31 -4.96
CD CD E . -9.81 24.69 -6.07
CD CD F . 5.92 23.61 6.38
C1 PGE G . -9.96 -4.53 -21.73
O1 PGE G . -11.26 -3.99 -21.97
C2 PGE G . -9.39 -4.01 -20.42
O2 PGE G . -9.31 -2.59 -20.46
C3 PGE G . -10.37 -1.96 -19.78
C4 PGE G . -9.86 -1.45 -18.44
C6 PGE G . -9.73 0.40 -16.28
C5 PGE G . -10.12 0.77 -17.70
O3 PGE G . -9.47 -0.11 -18.59
CD CD H . 10.48 -24.94 7.44
CD CD I . 20.08 3.08 2.85
CD CD J . 36.93 13.62 -9.01
C5 PG0 K . 27.14 -8.97 4.74
O2 PG0 K . 28.42 -9.04 4.15
C4 PG0 K . 29.26 -7.97 4.51
C3 PG0 K . 30.08 -7.57 3.31
O1 PG0 K . 30.79 -6.38 3.63
C2 PG0 K . 30.10 -5.20 3.28
C1 PG0 K . 30.25 -4.18 4.38
OTT PG0 K . 29.55 -3.00 4.01
#